data_4ALP
#
_entry.id   4ALP
#
_cell.length_a   95.982
_cell.length_b   61.166
_cell.length_c   63.219
_cell.angle_alpha   90.00
_cell.angle_beta   90.00
_cell.angle_gamma   90.00
#
_symmetry.space_group_name_H-M   'P 21 21 2'
#
loop_
_entity.id
_entity.type
_entity.pdbx_description
1 polymer 'LIN28 ISOFORM B'
2 polymer 'HEXA URIDINE'
3 non-polymer GLYCEROL
4 water water
#
loop_
_entity_poly.entity_id
_entity_poly.type
_entity_poly.pdbx_seq_one_letter_code
_entity_poly.pdbx_strand_id
1 'polypeptide(L)'
;GSDPQVLRGSGHCKWFNVRMGFGFISMTSREGSPLENPVDVFVHQSKLYMEGFRSLKEGEPVEFTFKKSSKGFESLRVTG
PGGNPCLGNE
;
A,B,C,D
2 'polyribonucleotide' UUUUUU E
#
loop_
_chem_comp.id
_chem_comp.type
_chem_comp.name
_chem_comp.formula
GOL non-polymer GLYCEROL 'C3 H8 O3'
U RNA linking URIDINE-5'-MONOPHOSPHATE 'C9 H13 N2 O9 P'
#
# COMPACT_ATOMS: atom_id res chain seq x y z
N ASP A 3 -18.03 -0.69 -22.71
CA ASP A 3 -18.71 0.25 -21.77
C ASP A 3 -17.90 1.54 -21.65
N PRO A 4 -18.57 2.67 -21.33
CA PRO A 4 -17.80 3.88 -21.00
C PRO A 4 -16.89 3.64 -19.81
N GLN A 5 -15.80 4.40 -19.74
CA GLN A 5 -14.95 4.31 -18.59
C GLN A 5 -15.69 4.76 -17.35
N VAL A 6 -15.30 4.19 -16.22
CA VAL A 6 -15.93 4.51 -14.95
C VAL A 6 -15.60 5.96 -14.59
N LEU A 7 -16.53 6.60 -13.91
CA LEU A 7 -16.37 7.98 -13.42
C LEU A 7 -15.42 8.00 -12.21
N ARG A 8 -14.72 9.10 -12.02
CA ARG A 8 -13.80 9.28 -10.92
C ARG A 8 -14.05 10.60 -10.25
N GLY A 9 -13.71 10.68 -8.99
CA GLY A 9 -13.82 11.92 -8.24
C GLY A 9 -13.00 11.88 -7.00
N SER A 10 -13.08 12.96 -6.23
CA SER A 10 -12.39 13.07 -4.95
C SER A 10 -13.24 13.83 -3.97
N GLY A 11 -12.91 13.74 -2.70
CA GLY A 11 -13.69 14.43 -1.71
C GLY A 11 -13.24 14.01 -0.32
N HIS A 12 -14.20 13.93 0.61
CA HIS A 12 -13.90 13.50 1.96
C HIS A 12 -15.03 12.69 2.54
N CYS A 13 -14.71 11.86 3.51
CA CYS A 13 -15.75 11.08 4.19
C CYS A 13 -16.71 12.01 4.93
N LYS A 14 -17.98 11.89 4.63
CA LYS A 14 -19.06 12.50 5.39
C LYS A 14 -19.30 11.79 6.71
N TRP A 15 -19.54 10.49 6.65
CA TRP A 15 -19.66 9.63 7.81
C TRP A 15 -19.37 8.22 7.40
N PHE A 16 -18.97 7.43 8.37
CA PHE A 16 -18.79 6.01 8.15
C PHE A 16 -19.03 5.24 9.43
N ASN A 17 -20.02 4.37 9.42
CA ASN A 17 -20.40 3.62 10.61
C ASN A 17 -19.86 2.22 10.50
N VAL A 18 -18.91 1.85 11.40
CA VAL A 18 -18.27 0.55 11.28
C VAL A 18 -19.10 -0.62 11.73
N ARG A 19 -20.11 -0.42 12.55
CA ARG A 19 -21.03 -1.50 12.83
C ARG A 19 -21.86 -1.83 11.59
N MET A 20 -22.29 -0.80 10.89
CA MET A 20 -23.10 -0.96 9.66
C MET A 20 -22.19 -1.47 8.55
N GLY A 21 -20.95 -0.98 8.52
CA GLY A 21 -20.00 -1.31 7.46
C GLY A 21 -20.13 -0.42 6.22
N PHE A 22 -20.67 0.77 6.39
CA PHE A 22 -20.85 1.66 5.27
C PHE A 22 -21.00 3.11 5.71
N GLY A 23 -21.04 4.01 4.75
CA GLY A 23 -21.19 5.44 4.98
C GLY A 23 -21.34 6.17 3.69
N PHE A 24 -21.09 7.46 3.73
CA PHE A 24 -21.09 8.33 2.55
C PHE A 24 -19.86 9.19 2.47
N ILE A 25 -19.44 9.42 1.24
CA ILE A 25 -18.44 10.38 0.85
C ILE A 25 -19.08 11.64 0.31
N SER A 26 -18.58 12.82 0.71
CA SER A 26 -18.97 14.08 0.06
C SER A 26 -17.97 14.31 -1.08
N MET A 27 -18.46 14.15 -2.31
CA MET A 27 -17.63 14.38 -3.51
C MET A 27 -17.55 15.88 -3.77
N THR A 28 -16.33 16.41 -3.79
CA THR A 28 -16.08 17.86 -4.01
C THR A 28 -15.33 18.14 -5.34
N SER A 29 -14.92 17.08 -6.03
CA SER A 29 -14.31 17.18 -7.34
CA SER A 29 -14.29 17.18 -7.34
C SER A 29 -14.73 15.97 -8.15
N ARG A 30 -14.96 16.15 -9.45
CA ARG A 30 -15.42 15.07 -10.28
C ARG A 30 -14.71 15.19 -11.61
N GLU A 31 -14.14 14.10 -12.08
CA GLU A 31 -13.43 14.09 -13.38
C GLU A 31 -12.42 15.21 -13.48
N GLY A 32 -11.78 15.46 -12.34
CA GLY A 32 -10.68 16.43 -12.24
C GLY A 32 -11.07 17.88 -12.13
N SER A 33 -12.35 18.17 -12.00
CA SER A 33 -12.83 19.54 -11.83
CA SER A 33 -12.93 19.53 -11.89
C SER A 33 -13.60 19.72 -10.51
N PRO A 34 -13.31 20.81 -9.79
CA PRO A 34 -14.05 21.09 -8.57
C PRO A 34 -15.54 21.26 -8.83
N LEU A 35 -16.36 20.78 -7.92
CA LEU A 35 -17.82 20.93 -7.97
C LEU A 35 -18.26 22.10 -7.13
N GLU A 36 -19.10 22.96 -7.68
CA GLU A 36 -19.70 23.98 -6.83
C GLU A 36 -20.55 23.41 -5.74
N ASN A 37 -21.33 22.39 -6.08
CA ASN A 37 -22.17 21.76 -5.10
C ASN A 37 -21.75 20.33 -4.89
N PRO A 38 -21.32 20.01 -3.68
CA PRO A 38 -20.85 18.63 -3.42
C PRO A 38 -22.01 17.62 -3.60
N VAL A 39 -21.63 16.39 -3.89
CA VAL A 39 -22.57 15.29 -4.17
C VAL A 39 -22.23 14.14 -3.23
N ASP A 40 -23.24 13.60 -2.56
CA ASP A 40 -23.00 12.43 -1.68
C ASP A 40 -22.89 11.15 -2.50
N VAL A 41 -21.92 10.32 -2.17
CA VAL A 41 -21.62 9.04 -2.83
C VAL A 41 -21.51 7.94 -1.79
N PHE A 42 -22.31 6.90 -1.93
CA PHE A 42 -22.28 5.79 -1.01
C PHE A 42 -20.95 5.07 -1.02
N VAL A 43 -20.50 4.63 0.17
CA VAL A 43 -19.27 3.84 0.23
C VAL A 43 -19.48 2.67 1.20
N HIS A 44 -19.26 1.46 0.69
CA HIS A 44 -19.26 0.24 1.49
C HIS A 44 -17.86 -0.14 1.86
N GLN A 45 -17.72 -0.78 3.03
CA GLN A 45 -16.42 -1.19 3.53
C GLN A 45 -15.60 -2.05 2.55
N SER A 46 -16.33 -2.83 1.74
CA SER A 46 -15.67 -3.79 0.85
C SER A 46 -14.91 -3.05 -0.25
N LYS A 47 -15.18 -1.75 -0.45
CA LYS A 47 -14.56 -1.00 -1.53
C LYS A 47 -13.37 -0.16 -1.09
N LEU A 48 -13.05 -0.18 0.19
CA LEU A 48 -11.96 0.63 0.70
C LEU A 48 -10.62 -0.10 0.49
N TYR A 49 -9.68 0.60 -0.15
CA TYR A 49 -8.32 0.08 -0.35
C TYR A 49 -7.51 0.34 0.88
N MET A 50 -7.27 -0.72 1.64
CA MET A 50 -6.42 -0.69 2.84
C MET A 50 -6.35 -2.11 3.34
N GLU A 51 -5.34 -2.38 4.14
CA GLU A 51 -5.18 -3.66 4.80
C GLU A 51 -5.90 -3.66 6.14
N GLY A 52 -6.16 -4.85 6.66
CA GLY A 52 -6.77 -5.00 7.98
C GLY A 52 -8.23 -4.58 7.98
N PHE A 53 -8.77 -4.21 9.12
CA PHE A 53 -10.15 -3.78 9.21
C PHE A 53 -10.32 -2.50 8.39
N ARG A 54 -11.35 -2.47 7.55
CA ARG A 54 -11.58 -1.33 6.63
C ARG A 54 -12.55 -0.31 7.19
N SER A 55 -12.15 0.95 7.16
CA SER A 55 -13.00 2.01 7.64
C SER A 55 -12.51 3.34 7.06
N LEU A 56 -13.34 4.36 7.20
CA LEU A 56 -12.98 5.74 6.95
C LEU A 56 -13.24 6.52 8.22
N LYS A 57 -12.45 7.56 8.46
CA LYS A 57 -12.67 8.52 9.51
C LYS A 57 -13.46 9.68 8.95
N GLU A 58 -14.40 10.26 9.71
CA GLU A 58 -15.06 11.50 9.26
C GLU A 58 -14.04 12.51 8.86
N GLY A 59 -14.26 13.13 7.70
CA GLY A 59 -13.42 14.15 7.18
C GLY A 59 -12.20 13.70 6.44
N GLU A 60 -11.92 12.39 6.46
CA GLU A 60 -10.69 11.93 5.80
C GLU A 60 -10.79 12.13 4.28
N PRO A 61 -9.71 12.62 3.66
CA PRO A 61 -9.70 12.85 2.22
C PRO A 61 -9.62 11.55 1.44
N VAL A 62 -10.41 11.47 0.38
CA VAL A 62 -10.44 10.25 -0.43
C VAL A 62 -10.46 10.56 -1.93
N GLU A 63 -10.06 9.57 -2.72
CA GLU A 63 -10.21 9.55 -4.13
C GLU A 63 -10.94 8.27 -4.48
N PHE A 64 -11.75 8.28 -5.52
CA PHE A 64 -12.55 7.10 -5.83
C PHE A 64 -13.02 7.05 -7.27
N THR A 65 -13.36 5.86 -7.71
CA THR A 65 -14.18 5.67 -8.89
C THR A 65 -15.61 5.40 -8.39
N PHE A 66 -16.61 5.71 -9.21
CA PHE A 66 -18.01 5.60 -8.84
C PHE A 66 -18.90 5.43 -10.06
N LYS A 67 -20.14 5.09 -9.75
CA LYS A 67 -21.16 4.98 -10.79
C LYS A 67 -22.49 5.48 -10.27
N LYS A 68 -23.37 5.80 -11.23
CA LYS A 68 -24.77 6.05 -10.91
C LYS A 68 -25.46 4.76 -10.53
N SER A 69 -26.43 4.86 -9.60
CA SER A 69 -27.28 3.73 -9.28
C SER A 69 -28.62 4.26 -8.74
N SER A 70 -29.46 3.33 -8.28
CA SER A 70 -30.71 3.70 -7.60
CA SER A 70 -30.72 3.68 -7.59
C SER A 70 -30.44 4.44 -6.30
N LYS A 71 -29.27 4.19 -5.70
CA LYS A 71 -28.88 4.93 -4.48
C LYS A 71 -28.57 6.36 -4.77
N GLY A 72 -28.44 6.65 -6.06
N GLY A 72 -28.42 6.78 -6.03
CA GLY A 72 -27.85 7.90 -6.49
CA GLY A 72 -27.86 8.09 -6.28
C GLY A 72 -26.48 7.65 -7.10
C GLY A 72 -26.56 7.77 -7.02
N PHE A 73 -25.44 7.74 -6.27
CA PHE A 73 -24.12 7.39 -6.73
C PHE A 73 -23.44 6.50 -5.70
N GLU A 74 -22.68 5.53 -6.18
CA GLU A 74 -21.98 4.65 -5.26
C GLU A 74 -20.55 4.42 -5.75
N SER A 75 -19.65 4.29 -4.78
CA SER A 75 -18.26 4.15 -5.08
C SER A 75 -17.93 2.69 -5.46
N LEU A 76 -16.95 2.56 -6.36
CA LEU A 76 -16.44 1.26 -6.84
C LEU A 76 -15.13 0.86 -6.18
N ARG A 77 -14.29 1.85 -5.93
CA ARG A 77 -13.00 1.64 -5.24
C ARG A 77 -12.62 2.96 -4.64
N VAL A 78 -12.16 2.94 -3.40
CA VAL A 78 -11.86 4.18 -2.68
C VAL A 78 -10.47 4.11 -2.08
N THR A 79 -9.68 5.13 -2.29
CA THR A 79 -8.31 5.25 -1.77
C THR A 79 -8.19 6.57 -1.05
N GLY A 80 -7.04 6.78 -0.44
CA GLY A 80 -6.63 8.10 0.00
C GLY A 80 -6.08 8.94 -1.15
N PRO A 81 -5.62 10.16 -0.85
CA PRO A 81 -4.93 10.97 -1.84
C PRO A 81 -3.77 10.21 -2.47
N GLY A 82 -3.61 10.41 -3.78
CA GLY A 82 -2.47 9.84 -4.47
C GLY A 82 -2.57 8.35 -4.68
N GLY A 83 -3.76 7.77 -4.46
CA GLY A 83 -3.95 6.32 -4.52
C GLY A 83 -3.38 5.54 -3.33
N ASN A 84 -3.01 6.26 -2.28
CA ASN A 84 -2.52 5.66 -1.05
C ASN A 84 -3.63 4.92 -0.36
N PRO A 85 -3.31 3.91 0.47
CA PRO A 85 -4.38 3.27 1.24
C PRO A 85 -5.14 4.28 2.08
N CYS A 86 -6.41 3.98 2.31
CA CYS A 86 -7.18 4.78 3.24
C CYS A 86 -6.58 4.58 4.64
N LEU A 87 -6.81 5.56 5.49
CA LEU A 87 -6.28 5.48 6.86
C LEU A 87 -7.28 4.86 7.84
N GLY A 88 -8.55 5.25 7.73
CA GLY A 88 -9.57 4.77 8.65
C GLY A 88 -9.46 5.38 10.04
N ASN A 89 -10.24 4.82 10.92
CA ASN A 89 -10.16 5.23 12.35
C ASN A 89 -8.87 5.02 13.10
N GLN B 5 -12.87 18.68 -25.27
CA GLN B 5 -13.28 17.48 -24.46
C GLN B 5 -12.24 16.38 -24.65
N VAL B 6 -11.84 15.74 -23.55
CA VAL B 6 -10.88 14.63 -23.62
C VAL B 6 -11.41 13.48 -24.51
N LEU B 7 -10.52 12.86 -25.26
CA LEU B 7 -10.87 11.67 -26.02
C LEU B 7 -10.63 10.46 -25.09
N ARG B 8 -11.34 9.37 -25.38
CA ARG B 8 -11.27 8.15 -24.58
C ARG B 8 -10.87 6.99 -25.42
N GLY B 9 -10.00 6.15 -24.87
CA GLY B 9 -9.60 4.95 -25.55
C GLY B 9 -9.16 3.86 -24.60
N SER B 10 -8.95 2.69 -25.16
CA SER B 10 -8.34 1.58 -24.41
C SER B 10 -7.41 0.81 -25.32
N GLY B 11 -6.56 0.00 -24.73
CA GLY B 11 -5.62 -0.82 -25.47
C GLY B 11 -4.64 -1.48 -24.52
N HIS B 12 -3.38 -1.52 -24.94
CA HIS B 12 -2.35 -2.18 -24.13
C HIS B 12 -1.05 -1.45 -24.30
N CYS B 13 -0.14 -1.61 -23.36
CA CYS B 13 1.17 -0.98 -23.46
C CYS B 13 1.92 -1.63 -24.65
N LYS B 14 2.40 -0.79 -25.55
CA LYS B 14 3.24 -1.21 -26.65
C LYS B 14 4.67 -1.40 -26.11
N TRP B 15 5.23 -0.39 -25.46
CA TRP B 15 6.49 -0.48 -24.79
C TRP B 15 6.58 0.64 -23.78
N PHE B 16 7.44 0.47 -22.81
CA PHE B 16 7.68 1.50 -21.79
C PHE B 16 9.11 1.39 -21.30
N ASN B 17 9.86 2.49 -21.30
CA ASN B 17 11.25 2.50 -20.90
C ASN B 17 11.37 3.37 -19.64
N VAL B 18 11.77 2.75 -18.52
CA VAL B 18 11.80 3.41 -17.24
C VAL B 18 12.94 4.40 -17.06
N ARG B 19 14.02 4.25 -17.81
CA ARG B 19 15.03 5.29 -17.81
C ARG B 19 14.55 6.55 -18.51
N MET B 20 13.90 6.37 -19.65
CA MET B 20 13.30 7.47 -20.39
C MET B 20 12.15 8.10 -19.62
N GLY B 21 11.36 7.25 -18.95
CA GLY B 21 10.18 7.70 -18.26
C GLY B 21 8.95 7.82 -19.15
N PHE B 22 8.95 7.11 -20.25
CA PHE B 22 7.82 7.15 -21.18
C PHE B 22 7.79 5.93 -22.03
N GLY B 23 6.75 5.80 -22.83
CA GLY B 23 6.58 4.77 -23.83
C GLY B 23 5.44 5.11 -24.74
N PHE B 24 4.86 4.07 -25.34
CA PHE B 24 3.66 4.18 -26.15
C PHE B 24 2.65 3.12 -25.78
N ILE B 25 1.39 3.51 -25.88
CA ILE B 25 0.24 2.64 -25.81
C ILE B 25 -0.18 2.30 -27.23
N SER B 26 -0.58 1.04 -27.46
CA SER B 26 -1.27 0.66 -28.67
C SER B 26 -2.74 0.73 -28.36
N MET B 27 -3.40 1.75 -28.90
CA MET B 27 -4.84 1.90 -28.73
C MET B 27 -5.56 0.95 -29.69
N THR B 28 -6.39 0.08 -29.14
CA THR B 28 -7.13 -0.93 -29.92
C THR B 28 -8.64 -0.70 -29.87
N SER B 29 -9.09 0.28 -29.10
CA SER B 29 -10.48 0.73 -29.05
CA SER B 29 -10.47 0.73 -29.09
C SER B 29 -10.48 2.24 -28.84
N ARG B 30 -11.33 2.98 -29.57
CA ARG B 30 -11.42 4.43 -29.43
CA ARG B 30 -11.42 4.44 -29.44
C ARG B 30 -12.89 4.82 -29.28
N GLU B 31 -13.22 5.52 -28.21
CA GLU B 31 -14.59 5.91 -27.87
C GLU B 31 -15.53 4.70 -27.91
N GLY B 32 -15.01 3.56 -27.44
CA GLY B 32 -15.77 2.31 -27.30
C GLY B 32 -15.88 1.45 -28.55
N SER B 33 -15.30 1.89 -29.68
CA SER B 33 -15.38 1.07 -30.89
C SER B 33 -14.02 0.46 -31.22
N PRO B 34 -13.99 -0.85 -31.57
CA PRO B 34 -12.77 -1.60 -31.85
C PRO B 34 -12.06 -1.14 -33.13
N LEU B 35 -10.74 -1.13 -33.08
CA LEU B 35 -9.89 -0.84 -34.20
C LEU B 35 -9.18 -2.11 -34.70
N GLU B 36 -9.11 -2.28 -36.00
CA GLU B 36 -8.36 -3.38 -36.61
C GLU B 36 -6.86 -3.18 -36.48
N ASN B 37 -6.38 -1.96 -36.69
CA ASN B 37 -4.97 -1.66 -36.62
C ASN B 37 -4.73 -0.75 -35.44
N PRO B 38 -3.82 -1.15 -34.57
CA PRO B 38 -3.57 -0.32 -33.40
C PRO B 38 -3.01 1.06 -33.74
N VAL B 39 -3.30 2.01 -32.87
CA VAL B 39 -2.87 3.41 -33.04
C VAL B 39 -1.96 3.81 -31.87
N ASP B 40 -0.80 4.35 -32.20
CA ASP B 40 0.13 4.80 -31.19
C ASP B 40 -0.36 5.97 -30.40
N VAL B 41 -0.25 5.88 -29.08
CA VAL B 41 -0.56 6.99 -28.17
C VAL B 41 0.60 7.14 -27.21
N PHE B 42 1.24 8.30 -27.18
CA PHE B 42 2.37 8.53 -26.27
C PHE B 42 1.90 8.49 -24.84
N VAL B 43 2.74 7.94 -23.95
CA VAL B 43 2.41 7.91 -22.55
C VAL B 43 3.65 8.25 -21.70
N HIS B 44 3.52 9.26 -20.86
CA HIS B 44 4.57 9.69 -19.95
C HIS B 44 4.30 9.10 -18.60
N GLN B 45 5.35 8.76 -17.85
CA GLN B 45 5.21 8.20 -16.51
C GLN B 45 4.35 9.05 -15.57
N SER B 46 4.41 10.37 -15.76
CA SER B 46 3.67 11.30 -14.89
C SER B 46 2.14 11.15 -15.05
N LYS B 47 1.68 10.47 -16.08
CA LYS B 47 0.26 10.30 -16.33
C LYS B 47 -0.31 8.97 -15.87
N LEU B 48 0.54 8.12 -15.30
CA LEU B 48 0.11 6.79 -14.93
C LEU B 48 -0.51 6.80 -13.55
N TYR B 49 -1.70 6.21 -13.43
CA TYR B 49 -2.39 6.03 -12.15
C TYR B 49 -1.92 4.75 -11.48
N MET B 50 -1.06 4.92 -10.47
CA MET B 50 -0.55 3.85 -9.60
C MET B 50 0.28 4.50 -8.51
N GLU B 51 0.52 3.73 -7.47
CA GLU B 51 1.38 4.11 -6.37
C GLU B 51 2.84 3.81 -6.70
N GLY B 52 3.74 4.48 -5.98
CA GLY B 52 5.14 4.17 -6.08
C GLY B 52 5.72 4.58 -7.43
N PHE B 53 6.72 3.84 -7.84
CA PHE B 53 7.39 4.10 -9.11
C PHE B 53 6.40 3.77 -10.24
N ARG B 54 6.24 4.68 -11.18
CA ARG B 54 5.26 4.54 -12.24
C ARG B 54 5.87 3.94 -13.50
N SER B 55 5.28 2.85 -13.98
CA SER B 55 5.68 2.27 -15.24
C SER B 55 4.53 1.45 -15.80
N LEU B 56 4.68 1.01 -17.04
CA LEU B 56 3.79 0.05 -17.63
C LEU B 56 4.61 -1.17 -18.04
N LYS B 57 3.96 -2.34 -18.01
CA LYS B 57 4.55 -3.57 -18.54
C LYS B 57 4.04 -3.79 -19.94
N GLU B 58 4.91 -4.22 -20.85
CA GLU B 58 4.48 -4.55 -22.22
C GLU B 58 3.29 -5.46 -22.21
N GLY B 59 2.28 -5.13 -23.02
CA GLY B 59 1.05 -5.89 -23.12
C GLY B 59 0.01 -5.67 -22.09
N GLU B 60 0.31 -4.91 -21.02
CA GLU B 60 -0.72 -4.80 -19.97
C GLU B 60 -1.87 -3.95 -20.52
N PRO B 61 -3.11 -4.31 -20.16
CA PRO B 61 -4.26 -3.57 -20.64
C PRO B 61 -4.43 -2.26 -19.93
N VAL B 62 -4.81 -1.24 -20.67
CA VAL B 62 -4.99 0.08 -20.11
C VAL B 62 -6.24 0.75 -20.66
N GLU B 63 -6.75 1.69 -19.89
CA GLU B 63 -7.80 2.62 -20.32
C GLU B 63 -7.22 4.01 -20.14
N PHE B 64 -7.63 4.95 -20.95
CA PHE B 64 -7.04 6.26 -20.87
C PHE B 64 -7.89 7.37 -21.46
N THR B 65 -7.61 8.56 -20.99
CA THR B 65 -8.01 9.77 -21.69
C THR B 65 -6.77 10.25 -22.49
N PHE B 66 -7.01 10.91 -23.59
CA PHE B 66 -5.95 11.35 -24.49
C PHE B 66 -6.41 12.54 -25.31
N LYS B 67 -5.46 13.16 -25.97
CA LYS B 67 -5.74 14.31 -26.80
C LYS B 67 -4.89 14.23 -28.04
N LYS B 68 -5.31 14.98 -29.06
CA LYS B 68 -4.47 15.18 -30.22
C LYS B 68 -3.31 16.11 -29.87
N SER B 69 -2.15 15.81 -30.42
CA SER B 69 -0.96 16.56 -30.22
C SER B 69 -0.40 16.76 -31.61
N SER B 70 0.62 17.59 -31.72
CA SER B 70 1.19 17.98 -33.02
C SER B 70 1.63 16.78 -33.88
N LYS B 71 2.20 15.77 -33.23
CA LYS B 71 2.77 14.64 -33.94
C LYS B 71 2.01 13.33 -33.76
N GLY B 72 0.94 13.38 -32.98
CA GLY B 72 0.06 12.24 -32.86
C GLY B 72 -1.00 12.37 -31.79
N PHE B 73 -0.90 11.51 -30.80
CA PHE B 73 -1.76 11.50 -29.65
C PHE B 73 -0.95 11.37 -28.39
N GLU B 74 -1.42 12.03 -27.35
CA GLU B 74 -0.73 11.91 -26.07
CA GLU B 74 -0.75 12.07 -26.04
C GLU B 74 -1.74 11.66 -24.96
N SER B 75 -1.41 10.69 -24.12
CA SER B 75 -2.31 10.37 -23.05
CA SER B 75 -2.20 10.33 -22.95
C SER B 75 -2.27 11.43 -21.93
N LEU B 76 -3.43 11.62 -21.31
CA LEU B 76 -3.63 12.56 -20.21
C LEU B 76 -3.70 11.85 -18.85
N ARG B 77 -4.32 10.68 -18.84
CA ARG B 77 -4.46 9.88 -17.61
C ARG B 77 -4.61 8.46 -18.05
N VAL B 78 -3.87 7.56 -17.42
CA VAL B 78 -3.87 6.16 -17.79
C VAL B 78 -4.09 5.28 -16.57
N THR B 79 -5.02 4.35 -16.70
CA THR B 79 -5.33 3.39 -15.65
C THR B 79 -5.36 2.00 -16.27
N GLY B 80 -5.51 0.98 -15.40
CA GLY B 80 -5.85 -0.34 -15.84
C GLY B 80 -7.34 -0.45 -16.08
N PRO B 81 -7.80 -1.67 -16.40
CA PRO B 81 -9.24 -1.88 -16.62
C PRO B 81 -10.04 -1.42 -15.41
N GLY B 82 -11.17 -0.78 -15.66
CA GLY B 82 -12.09 -0.43 -14.58
C GLY B 82 -11.61 0.70 -13.71
N GLY B 83 -10.58 1.43 -14.16
CA GLY B 83 -10.00 2.50 -13.38
C GLY B 83 -9.08 2.06 -12.25
N ASN B 84 -8.71 0.78 -12.25
CA ASN B 84 -7.76 0.28 -11.27
C ASN B 84 -6.33 0.73 -11.56
N PRO B 85 -5.43 0.60 -10.59
CA PRO B 85 -4.05 0.98 -10.84
C PRO B 85 -3.42 0.22 -11.97
N CYS B 86 -2.55 0.91 -12.70
CA CYS B 86 -1.67 0.22 -13.66
C CYS B 86 -0.78 -0.76 -12.87
N LEU B 87 -0.28 -1.80 -13.55
CA LEU B 87 0.55 -2.81 -12.88
C LEU B 87 2.07 -2.46 -12.87
N GLY B 88 2.61 -2.12 -14.05
CA GLY B 88 4.01 -1.76 -14.15
C GLY B 88 5.01 -2.92 -14.22
N ASN B 89 6.27 -2.56 -14.49
CA ASN B 89 7.42 -3.48 -14.63
C ASN B 89 8.68 -2.61 -14.52
N GLU B 90 9.13 -2.33 -13.30
CA GLU B 90 10.29 -1.44 -13.07
C GLU B 90 11.62 -2.23 -13.24
N GLN C 5 1.51 -14.82 -2.42
CA GLN C 5 2.42 -14.69 -1.25
C GLN C 5 3.57 -13.75 -1.57
N VAL C 6 3.88 -12.87 -0.63
CA VAL C 6 5.03 -12.00 -0.77
C VAL C 6 6.09 -12.51 0.22
N LEU C 7 7.33 -12.65 -0.25
CA LEU C 7 8.42 -13.13 0.62
C LEU C 7 8.87 -12.09 1.64
N ARG C 8 9.11 -12.52 2.87
CA ARG C 8 9.42 -11.66 3.98
C ARG C 8 10.67 -12.19 4.65
N GLY C 9 11.52 -11.30 5.08
CA GLY C 9 12.69 -11.64 5.85
C GLY C 9 13.16 -10.56 6.78
N SER C 10 14.20 -10.84 7.55
CA SER C 10 14.82 -9.83 8.37
C SER C 10 16.31 -10.07 8.45
N GLY C 11 17.03 -9.07 8.93
CA GLY C 11 18.47 -9.12 8.98
C GLY C 11 19.06 -7.77 9.29
N HIS C 12 20.23 -7.49 8.74
CA HIS C 12 20.91 -6.22 8.94
C HIS C 12 21.61 -5.78 7.69
N CYS C 13 21.79 -4.48 7.52
CA CYS C 13 22.56 -3.98 6.41
C CYS C 13 23.98 -4.51 6.40
N LYS C 14 24.36 -5.15 5.33
CA LYS C 14 25.71 -5.65 5.13
C LYS C 14 26.64 -4.50 4.79
N TRP C 15 26.32 -3.74 3.72
CA TRP C 15 26.95 -2.50 3.40
C TRP C 15 26.03 -1.71 2.51
N PHE C 16 26.26 -0.41 2.41
CA PHE C 16 25.44 0.46 1.59
C PHE C 16 26.26 1.61 1.10
N ASN C 17 26.31 1.76 -0.23
CA ASN C 17 26.98 2.83 -0.91
C ASN C 17 26.02 4.00 -1.05
N VAL C 18 26.25 5.02 -0.24
CA VAL C 18 25.37 6.17 -0.16
CA VAL C 18 25.37 6.15 -0.17
C VAL C 18 25.37 6.94 -1.48
N ARG C 19 26.53 7.12 -2.11
CA ARG C 19 26.60 7.86 -3.36
C ARG C 19 25.78 7.19 -4.50
N MET C 20 25.87 5.88 -4.57
CA MET C 20 25.20 5.17 -5.65
CA MET C 20 25.27 5.04 -5.63
C MET C 20 23.81 4.70 -5.28
N GLY C 21 23.40 4.89 -4.03
CA GLY C 21 22.04 4.60 -3.60
C GLY C 21 21.68 3.14 -3.55
N PHE C 22 22.61 2.25 -3.26
CA PHE C 22 22.26 0.83 -3.12
C PHE C 22 23.21 0.15 -2.19
N GLY C 23 22.83 -1.04 -1.78
CA GLY C 23 23.68 -1.90 -0.97
C GLY C 23 23.11 -3.32 -0.93
N PHE C 24 23.51 -4.03 0.10
CA PHE C 24 23.05 -5.36 0.37
C PHE C 24 22.67 -5.47 1.85
N ILE C 25 21.64 -6.26 2.08
CA ILE C 25 21.19 -6.71 3.38
C ILE C 25 21.65 -8.14 3.53
N SER C 26 22.17 -8.45 4.71
CA SER C 26 22.44 -9.80 5.11
CA SER C 26 22.44 -9.80 5.12
C SER C 26 21.17 -10.31 5.78
N MET C 27 20.45 -11.15 5.07
CA MET C 27 19.24 -11.77 5.56
C MET C 27 19.57 -12.95 6.48
N THR C 28 19.06 -12.89 7.71
CA THR C 28 19.36 -13.92 8.72
C THR C 28 18.10 -14.64 9.21
N SER C 29 16.94 -14.25 8.66
CA SER C 29 15.67 -14.88 8.93
CA SER C 29 15.68 -14.90 8.91
C SER C 29 14.85 -14.74 7.66
N ARG C 30 14.21 -15.81 7.21
N ARG C 30 14.16 -15.80 7.24
CA ARG C 30 13.34 -15.78 6.05
CA ARG C 30 13.35 -15.81 6.04
C ARG C 30 12.08 -16.53 6.36
C ARG C 30 12.07 -16.56 6.32
N GLU C 31 10.94 -15.97 5.98
CA GLU C 31 9.66 -16.64 6.09
C GLU C 31 9.43 -17.18 7.49
N GLY C 32 9.89 -16.45 8.50
CA GLY C 32 9.65 -16.82 9.88
C GLY C 32 10.68 -17.71 10.52
N SER C 33 11.65 -18.21 9.73
CA SER C 33 12.64 -19.16 10.26
C SER C 33 14.05 -18.63 10.16
N PRO C 34 14.90 -18.91 11.15
CA PRO C 34 16.29 -18.48 11.08
C PRO C 34 17.12 -19.18 10.04
N LEU C 35 18.02 -18.42 9.43
CA LEU C 35 18.97 -18.93 8.48
C LEU C 35 20.33 -19.09 9.15
N GLU C 36 20.90 -20.27 9.04
CA GLU C 36 22.25 -20.49 9.58
C GLU C 36 23.28 -19.65 8.80
N ASN C 37 23.18 -19.64 7.48
CA ASN C 37 24.12 -18.95 6.58
C ASN C 37 23.42 -17.71 6.01
N PRO C 38 23.92 -16.50 6.31
CA PRO C 38 23.20 -15.33 5.79
C PRO C 38 23.18 -15.26 4.28
N VAL C 39 22.11 -14.64 3.76
CA VAL C 39 21.86 -14.57 2.36
C VAL C 39 21.83 -13.08 1.98
N ASP C 40 22.61 -12.74 0.98
CA ASP C 40 22.62 -11.34 0.44
C ASP C 40 21.34 -11.00 -0.28
N VAL C 41 20.79 -9.84 0.05
CA VAL C 41 19.59 -9.34 -0.63
C VAL C 41 19.94 -7.91 -1.06
N PHE C 42 19.90 -7.68 -2.36
CA PHE C 42 20.12 -6.34 -2.90
C PHE C 42 19.07 -5.38 -2.37
N VAL C 43 19.48 -4.13 -2.10
CA VAL C 43 18.54 -3.09 -1.69
C VAL C 43 18.86 -1.74 -2.34
N HIS C 44 17.87 -1.16 -2.99
CA HIS C 44 17.96 0.15 -3.61
C HIS C 44 17.35 1.17 -2.70
N GLN C 45 17.92 2.39 -2.70
CA GLN C 45 17.42 3.50 -1.87
C GLN C 45 15.92 3.74 -2.03
N SER C 46 15.37 3.56 -3.24
CA SER C 46 13.98 3.81 -3.52
C SER C 46 13.00 2.91 -2.77
N LYS C 47 13.53 1.84 -2.18
CA LYS C 47 12.72 0.83 -1.49
C LYS C 47 12.75 0.99 0.02
N LEU C 48 13.40 2.03 0.54
CA LEU C 48 13.58 2.26 1.98
C LEU C 48 12.48 3.13 2.56
N TYR C 49 11.83 2.63 3.58
CA TYR C 49 10.84 3.38 4.35
C TYR C 49 11.56 4.30 5.36
N MET C 50 11.54 5.59 5.06
CA MET C 50 12.08 6.64 5.92
C MET C 50 11.77 7.94 5.25
N GLU C 51 11.73 9.00 6.06
CA GLU C 51 11.52 10.34 5.57
C GLU C 51 12.87 10.93 5.21
N GLY C 52 12.83 11.90 4.31
CA GLY C 52 14.06 12.58 3.90
C GLY C 52 14.92 11.72 3.01
N PHE C 53 16.22 11.94 3.09
CA PHE C 53 17.18 11.24 2.22
C PHE C 53 17.27 9.77 2.61
N ARG C 54 17.17 8.91 1.61
CA ARG C 54 17.12 7.45 1.83
C ARG C 54 18.46 6.80 1.63
N SER C 55 18.87 6.06 2.65
CA SER C 55 20.07 5.21 2.62
C SER C 55 19.99 4.26 3.81
N LEU C 56 20.91 3.29 3.89
CA LEU C 56 21.12 2.47 5.07
C LEU C 56 22.53 2.64 5.58
N LYS C 57 22.71 2.39 6.87
CA LYS C 57 24.01 2.35 7.52
C LYS C 57 24.39 0.91 7.82
N GLU C 58 25.63 0.58 7.54
CA GLU C 58 26.18 -0.75 7.81
C GLU C 58 25.78 -1.18 9.22
N GLY C 59 25.22 -2.37 9.31
CA GLY C 59 24.85 -2.99 10.57
C GLY C 59 23.46 -2.71 11.08
N GLU C 60 22.78 -1.74 10.52
CA GLU C 60 21.46 -1.41 11.04
C GLU C 60 20.45 -2.55 10.80
N PRO C 61 19.62 -2.87 11.79
CA PRO C 61 18.68 -3.96 11.68
C PRO C 61 17.49 -3.60 10.78
N VAL C 62 17.04 -4.54 9.97
CA VAL C 62 16.01 -4.29 8.99
C VAL C 62 15.04 -5.45 8.91
N GLU C 63 13.79 -5.14 8.51
CA GLU C 63 12.78 -6.10 8.14
C GLU C 63 12.38 -5.73 6.73
N PHE C 64 12.05 -6.68 5.87
CA PHE C 64 11.75 -6.36 4.51
C PHE C 64 10.95 -7.42 3.80
N THR C 65 10.28 -7.00 2.74
CA THR C 65 9.75 -7.92 1.75
C THR C 65 10.76 -7.97 0.58
N PHE C 66 10.76 -9.06 -0.20
CA PHE C 66 11.75 -9.24 -1.26
C PHE C 66 11.26 -10.24 -2.28
N LYS C 67 11.98 -10.36 -3.37
CA LYS C 67 11.68 -11.31 -4.43
C LYS C 67 12.96 -11.84 -5.05
N LYS C 68 12.87 -13.00 -5.69
CA LYS C 68 13.97 -13.53 -6.49
CA LYS C 68 13.92 -13.55 -6.54
C LYS C 68 14.05 -12.71 -7.82
N SER C 69 15.29 -12.51 -8.30
CA SER C 69 15.55 -11.84 -9.58
C SER C 69 16.94 -12.25 -10.06
N SER C 70 17.34 -11.71 -11.20
CA SER C 70 18.71 -11.94 -11.66
C SER C 70 19.76 -11.31 -10.73
N LYS C 71 19.35 -10.45 -9.81
CA LYS C 71 20.26 -9.96 -8.80
C LYS C 71 20.56 -11.00 -7.69
N GLY C 72 19.79 -12.07 -7.66
CA GLY C 72 19.83 -13.05 -6.58
C GLY C 72 18.48 -12.90 -5.87
N PHE C 73 18.47 -12.04 -4.87
CA PHE C 73 17.26 -11.58 -4.21
C PHE C 73 17.33 -10.07 -4.13
N GLU C 74 16.18 -9.39 -4.21
CA GLU C 74 16.16 -7.96 -4.14
C GLU C 74 14.96 -7.49 -3.33
N SER C 75 15.15 -6.39 -2.62
CA SER C 75 14.17 -5.84 -1.71
C SER C 75 13.05 -5.14 -2.43
N LEU C 76 11.85 -5.26 -1.86
CA LEU C 76 10.68 -4.57 -2.34
C LEU C 76 10.33 -3.39 -1.45
N ARG C 77 10.38 -3.60 -0.15
CA ARG C 77 10.14 -2.58 0.85
C ARG C 77 10.93 -2.92 2.10
N VAL C 78 11.68 -1.97 2.63
CA VAL C 78 12.55 -2.19 3.77
C VAL C 78 12.27 -1.19 4.89
N THR C 79 12.15 -1.71 6.11
CA THR C 79 11.93 -0.88 7.32
C THR C 79 12.97 -1.32 8.35
N GLY C 80 12.99 -0.58 9.46
CA GLY C 80 13.65 -1.04 10.67
C GLY C 80 12.80 -2.06 11.44
N PRO C 81 13.27 -2.43 12.62
CA PRO C 81 12.50 -3.36 13.44
C PRO C 81 11.08 -2.85 13.71
N GLY C 82 10.12 -3.75 13.59
CA GLY C 82 8.74 -3.43 13.95
C GLY C 82 8.07 -2.45 12.98
N GLY C 83 8.72 -2.19 11.84
CA GLY C 83 8.16 -1.23 10.88
C GLY C 83 8.63 0.18 11.07
N ASN C 84 9.55 0.38 12.02
CA ASN C 84 10.18 1.71 12.22
C ASN C 84 10.86 2.22 10.96
N PRO C 85 10.93 3.53 10.78
CA PRO C 85 11.77 4.03 9.70
C PRO C 85 13.20 3.53 9.84
N CYS C 86 13.82 3.28 8.69
CA CYS C 86 15.27 3.04 8.61
C CYS C 86 16.00 4.26 9.11
N LEU C 87 17.26 4.05 9.52
CA LEU C 87 18.09 5.11 10.10
C LEU C 87 18.96 5.82 9.06
N GLY C 88 19.68 5.06 8.27
CA GLY C 88 20.49 5.62 7.23
C GLY C 88 21.82 6.20 7.61
N ASN C 89 22.56 6.59 6.59
CA ASN C 89 23.90 7.12 6.71
C ASN C 89 24.05 8.38 5.82
N GLU C 90 23.08 9.30 5.91
N GLU C 90 23.13 9.34 5.96
CA GLU C 90 23.09 10.50 5.08
CA GLU C 90 23.16 10.55 5.14
C GLU C 90 24.33 11.33 5.35
C GLU C 90 24.41 11.42 5.41
N VAL D 6 3.98 7.27 15.16
CA VAL D 6 3.35 5.96 15.57
C VAL D 6 4.07 5.28 16.73
N LEU D 7 3.35 4.82 17.76
CA LEU D 7 4.01 4.13 18.90
C LEU D 7 4.15 2.64 18.63
N ARG D 8 5.31 2.09 19.00
CA ARG D 8 5.60 0.69 18.80
CA ARG D 8 5.59 0.69 18.81
C ARG D 8 6.14 0.04 20.06
N GLY D 9 5.85 -1.23 20.24
CA GLY D 9 6.33 -2.01 21.32
C GLY D 9 6.41 -3.48 20.99
N SER D 10 6.92 -4.26 21.93
CA SER D 10 6.94 -5.69 21.79
C SER D 10 6.65 -6.37 23.12
N GLY D 11 6.33 -7.65 23.06
CA GLY D 11 5.89 -8.37 24.26
C GLY D 11 5.41 -9.75 23.95
N HIS D 12 4.45 -10.24 24.71
CA HIS D 12 3.87 -11.54 24.49
C HIS D 12 2.43 -11.51 24.86
N CYS D 13 1.66 -12.46 24.34
CA CYS D 13 0.25 -12.55 24.70
C CYS D 13 0.07 -12.90 26.16
N LYS D 14 -0.62 -12.02 26.88
CA LYS D 14 -1.00 -12.25 28.28
C LYS D 14 -2.14 -13.26 28.37
N TRP D 15 -3.28 -12.94 27.76
CA TRP D 15 -4.35 -13.88 27.53
C TRP D 15 -5.21 -13.47 26.35
N PHE D 16 -6.02 -14.39 25.82
CA PHE D 16 -6.91 -14.12 24.69
C PHE D 16 -8.22 -14.88 24.82
N ASN D 17 -9.33 -14.19 24.57
CA ASN D 17 -10.70 -14.69 24.74
C ASN D 17 -11.34 -14.80 23.37
N VAL D 18 -11.46 -16.01 22.83
CA VAL D 18 -12.02 -16.19 21.47
C VAL D 18 -13.55 -16.08 21.39
N ARG D 19 -14.27 -16.19 22.51
CA ARG D 19 -15.70 -15.92 22.51
CA ARG D 19 -15.72 -15.91 22.54
C ARG D 19 -15.97 -14.45 22.23
N MET D 20 -15.20 -13.56 22.88
CA MET D 20 -15.39 -12.15 22.72
C MET D 20 -14.44 -11.56 21.69
N GLY D 21 -13.45 -12.28 21.22
CA GLY D 21 -12.52 -11.76 20.20
C GLY D 21 -11.56 -10.72 20.65
N PHE D 22 -11.08 -10.79 21.90
CA PHE D 22 -10.07 -9.86 22.36
C PHE D 22 -9.23 -10.45 23.47
N GLY D 23 -8.12 -9.78 23.77
CA GLY D 23 -7.26 -10.14 24.88
C GLY D 23 -6.34 -9.02 25.26
N PHE D 24 -5.26 -9.38 25.96
CA PHE D 24 -4.24 -8.43 26.36
C PHE D 24 -2.89 -8.95 25.97
N ILE D 25 -2.03 -8.02 25.57
CA ILE D 25 -0.61 -8.21 25.39
C ILE D 25 0.11 -7.66 26.63
N SER D 26 1.10 -8.40 27.14
CA SER D 26 2.03 -7.86 28.13
C SER D 26 3.16 -7.24 27.35
N MET D 27 3.22 -5.89 27.33
CA MET D 27 4.27 -5.17 26.63
C MET D 27 5.51 -5.16 27.51
N THR D 28 6.62 -5.72 27.00
CA THR D 28 7.87 -5.81 27.80
C THR D 28 8.97 -4.89 27.28
N SER D 29 8.73 -4.26 26.13
CA SER D 29 9.60 -3.24 25.58
CA SER D 29 9.60 -3.26 25.57
C SER D 29 8.76 -2.19 24.87
N ARG D 30 9.07 -0.92 25.11
CA ARG D 30 8.32 0.19 24.52
CA ARG D 30 8.35 0.16 24.48
C ARG D 30 9.35 1.02 23.73
N GLU D 31 9.07 1.23 22.46
CA GLU D 31 10.01 1.93 21.59
C GLU D 31 11.46 1.52 21.78
N GLY D 32 11.68 0.20 21.76
CA GLY D 32 13.02 -0.35 21.82
C GLY D 32 13.68 -0.33 23.19
N SER D 33 12.95 0.12 24.21
CA SER D 33 13.51 0.25 25.59
C SER D 33 12.85 -0.84 26.43
N PRO D 34 13.64 -1.77 27.02
CA PRO D 34 13.10 -2.83 27.90
C PRO D 34 12.43 -2.25 29.13
N LEU D 35 11.32 -2.84 29.56
CA LEU D 35 10.54 -2.33 30.71
C LEU D 35 10.76 -3.27 31.91
N GLU D 36 11.00 -2.70 33.07
CA GLU D 36 11.17 -3.53 34.27
C GLU D 36 9.92 -4.37 34.52
N ASN D 37 8.74 -3.78 34.36
CA ASN D 37 7.47 -4.50 34.53
C ASN D 37 6.61 -4.38 33.30
N PRO D 38 5.89 -5.44 32.95
CA PRO D 38 5.08 -5.35 31.76
C PRO D 38 3.94 -4.39 31.88
N VAL D 39 3.51 -3.88 30.73
CA VAL D 39 2.38 -2.96 30.61
C VAL D 39 1.28 -3.64 29.79
N ASP D 40 0.06 -3.57 30.30
CA ASP D 40 -1.10 -4.15 29.59
C ASP D 40 -1.42 -3.36 28.33
N VAL D 41 -1.61 -4.09 27.22
CA VAL D 41 -2.05 -3.48 25.94
C VAL D 41 -3.23 -4.26 25.42
N PHE D 42 -4.38 -3.60 25.25
CA PHE D 42 -5.57 -4.23 24.70
C PHE D 42 -5.32 -4.69 23.26
N VAL D 43 -5.86 -5.84 22.91
CA VAL D 43 -5.75 -6.34 21.53
C VAL D 43 -7.05 -6.99 21.07
N HIS D 44 -7.66 -6.43 20.04
CA HIS D 44 -8.83 -6.99 19.39
C HIS D 44 -8.43 -7.94 18.27
N GLN D 45 -9.23 -8.98 18.03
CA GLN D 45 -8.89 -9.94 16.96
C GLN D 45 -8.68 -9.32 15.58
N SER D 46 -9.33 -8.19 15.33
CA SER D 46 -9.22 -7.52 14.04
C SER D 46 -7.88 -6.93 13.77
N LYS D 47 -7.06 -6.81 14.81
CA LYS D 47 -5.73 -6.24 14.69
C LYS D 47 -4.65 -7.24 14.35
N LEU D 48 -4.95 -8.53 14.41
CA LEU D 48 -3.93 -9.57 14.33
C LEU D 48 -3.62 -9.89 12.86
N TYR D 49 -2.34 -9.74 12.51
CA TYR D 49 -1.86 -10.10 11.19
C TYR D 49 -1.61 -11.61 11.07
N MET D 50 -2.53 -12.27 10.39
CA MET D 50 -2.50 -13.72 10.15
C MET D 50 -3.68 -14.05 9.26
N GLU D 51 -3.57 -15.17 8.55
CA GLU D 51 -4.67 -15.71 7.78
C GLU D 51 -5.58 -16.57 8.63
N GLY D 52 -6.82 -16.67 8.18
CA GLY D 52 -7.82 -17.53 8.83
C GLY D 52 -8.33 -16.93 10.11
N PHE D 53 -8.83 -17.78 11.01
CA PHE D 53 -9.30 -17.38 12.34
C PHE D 53 -8.18 -16.74 13.14
N ARG D 54 -8.49 -15.55 13.64
CA ARG D 54 -7.48 -14.71 14.31
C ARG D 54 -7.53 -14.83 15.83
N SER D 55 -6.42 -15.29 16.41
CA SER D 55 -6.25 -15.38 17.85
C SER D 55 -4.79 -15.31 18.22
N LEU D 56 -4.50 -15.13 19.50
CA LEU D 56 -3.15 -15.25 20.04
C LEU D 56 -3.12 -16.43 21.04
N LYS D 57 -2.00 -17.13 21.08
CA LYS D 57 -1.75 -18.16 22.10
C LYS D 57 -1.05 -17.50 23.28
N GLU D 58 -1.48 -17.82 24.52
CA GLU D 58 -0.78 -17.30 25.71
C GLU D 58 0.73 -17.49 25.58
N GLY D 59 1.43 -16.40 25.84
CA GLY D 59 2.89 -16.38 25.79
C GLY D 59 3.55 -16.18 24.43
N GLU D 60 2.79 -16.22 23.33
CA GLU D 60 3.47 -16.11 22.02
C GLU D 60 4.03 -14.71 21.86
N PRO D 61 5.22 -14.58 21.26
CA PRO D 61 5.85 -13.29 21.18
C PRO D 61 5.23 -12.42 20.07
N VAL D 62 5.02 -11.14 20.38
CA VAL D 62 4.42 -10.24 19.42
C VAL D 62 5.18 -8.91 19.37
N GLU D 63 5.00 -8.25 18.23
CA GLU D 63 5.54 -6.95 17.85
CA GLU D 63 5.49 -6.90 17.99
C GLU D 63 4.33 -6.15 17.39
N PHE D 64 4.16 -4.91 17.80
CA PHE D 64 2.94 -4.21 17.51
C PHE D 64 3.05 -2.72 17.52
N THR D 65 2.17 -2.06 16.74
CA THR D 65 1.92 -0.64 16.91
C THR D 65 0.76 -0.51 17.91
N PHE D 66 0.72 0.64 18.58
CA PHE D 66 -0.35 0.93 19.54
C PHE D 66 -0.54 2.42 19.68
N LYS D 67 -1.60 2.79 20.39
CA LYS D 67 -1.88 4.19 20.72
C LYS D 67 -2.48 4.25 22.12
N LYS D 68 -2.42 5.44 22.72
CA LYS D 68 -3.21 5.73 23.93
C LYS D 68 -4.66 6.03 23.50
N SER D 69 -5.62 5.40 24.18
CA SER D 69 -7.03 5.67 23.92
C SER D 69 -7.79 5.56 25.23
N SER D 70 -9.10 5.63 25.15
CA SER D 70 -9.90 5.38 26.34
C SER D 70 -9.80 3.92 26.83
N LYS D 71 -9.25 3.03 26.01
CA LYS D 71 -8.98 1.66 26.45
C LYS D 71 -7.74 1.53 27.34
N GLY D 72 -6.91 2.56 27.42
CA GLY D 72 -5.57 2.51 28.01
C GLY D 72 -4.59 2.54 26.87
N PHE D 73 -3.83 1.47 26.71
CA PHE D 73 -3.01 1.26 25.51
C PHE D 73 -3.71 0.25 24.66
N GLU D 74 -3.82 0.60 23.38
CA GLU D 74 -4.63 -0.16 22.43
C GLU D 74 -3.80 -0.50 21.20
N SER D 75 -3.68 -1.78 20.91
CA SER D 75 -2.90 -2.19 19.79
C SER D 75 -3.61 -1.89 18.46
N LEU D 76 -2.83 -1.60 17.42
CA LEU D 76 -3.40 -1.22 16.11
C LEU D 76 -3.07 -2.29 15.06
N ARG D 77 -1.85 -2.85 15.08
CA ARG D 77 -1.47 -3.93 14.16
C ARG D 77 -0.46 -4.80 14.89
N VAL D 78 -0.77 -6.08 14.99
CA VAL D 78 0.00 -7.02 15.80
C VAL D 78 0.52 -8.13 14.90
N THR D 79 1.83 -8.33 14.96
CA THR D 79 2.49 -9.41 14.22
C THR D 79 3.29 -10.26 15.21
N GLY D 80 3.86 -11.32 14.68
CA GLY D 80 4.89 -12.05 15.44
C GLY D 80 6.25 -11.38 15.23
N PRO D 81 7.31 -12.01 15.77
CA PRO D 81 8.67 -11.53 15.50
C PRO D 81 8.95 -11.29 14.02
N GLY D 82 9.67 -10.21 13.72
CA GLY D 82 10.07 -9.91 12.34
C GLY D 82 8.97 -9.54 11.36
N GLY D 83 7.77 -9.24 11.85
CA GLY D 83 6.66 -8.86 10.98
C GLY D 83 5.92 -10.02 10.37
N ASN D 84 6.26 -11.22 10.84
CA ASN D 84 5.65 -12.42 10.33
C ASN D 84 4.29 -12.60 11.00
N PRO D 85 3.46 -13.45 10.41
CA PRO D 85 2.15 -13.65 11.01
C PRO D 85 2.18 -14.20 12.42
N CYS D 86 1.15 -13.82 13.19
CA CYS D 86 0.91 -14.38 14.48
C CYS D 86 0.58 -15.87 14.34
N LEU D 87 0.80 -16.63 15.39
CA LEU D 87 0.54 -18.06 15.36
C LEU D 87 -0.89 -18.43 15.74
N GLY D 88 -1.36 -17.89 16.86
CA GLY D 88 -2.67 -18.18 17.37
C GLY D 88 -2.85 -19.56 17.92
N ASN D 89 -4.09 -19.93 18.25
CA ASN D 89 -4.42 -21.30 18.65
C ASN D 89 -5.13 -22.05 17.52
C1 GOL F . 18.17 4.05 -22.46
O1 GOL F . 17.28 5.18 -22.25
C2 GOL F . 19.43 4.32 -23.27
O2 GOL F . 19.31 5.69 -23.59
C3 GOL F . 19.50 3.42 -24.53
O3 GOL F . 20.29 3.96 -25.64
C1 GOL G . -12.53 -11.11 29.63
O1 GOL G . -11.59 -11.40 30.68
C2 GOL G . -13.87 -11.79 29.86
O2 GOL G . -14.47 -11.35 31.08
C3 GOL G . -14.82 -11.48 28.71
O3 GOL G . -15.98 -12.30 28.81
#